data_3BC3
#
_entry.id   3BC3
#
_cell.length_a   74.765
_cell.length_b   90.929
_cell.length_c   126.026
_cell.angle_alpha   90.000
_cell.angle_beta   90.000
_cell.angle_gamma   90.000
#
_symmetry.space_group_name_H-M   'C 2 2 21'
#
loop_
_entity.id
_entity.type
_entity.pdbx_description
1 polymer 'Cathepsin L heavy and light chains'
2 non-polymer S-benzyl-N-(biphenyl-4-ylacetyl)-L-cysteinyl-N~5~-(diaminomethyl)-D-ornithyl-N-(2-phenylethyl)-L-tyrosinamide
3 water water
#
_entity_poly.entity_id   1
_entity_poly.type   'polypeptide(L)'
_entity_poly.pdbx_seq_one_letter_code
;APRSVDWREKGYVTPVKNQGQCGS(CSD)WAFSATGALEGQMFRKTGRLISLSEQNLVDCSGPQGNEGCNGGLMDYAFQY
VQDNGGLDSEESYPYEATEESCKYNPKYSVANDTGFVDIPKQEKALMKAVATVGPISVAIDAGHESFLFYKEGIYFEPDC
SSEDMDHGVLVVGYGFESTESDNNKYWLVKNSWGEEWGMGGYVKMAKDRRNHCGIASAASYPTV
;
_entity_poly.pdbx_strand_id   A,B
#
loop_
_chem_comp.id
_chem_comp.type
_chem_comp.name
_chem_comp.formula
OPT non-polymer S-benzyl-N-(biphenyl-4-ylacetyl)-L-cysteinyl-N~5~-(diaminomethyl)-D-ornithyl-N-(2-phenylethyl)-L-tyrosinamide 'C47 H55 N7 O5 S'
#
# COMPACT_ATOMS: atom_id res chain seq x y z
N ALA A 1 -27.77 -3.31 -9.10
CA ALA A 1 -27.60 -3.28 -7.62
C ALA A 1 -28.70 -2.42 -6.98
N PRO A 2 -29.03 -2.71 -5.71
CA PRO A 2 -30.07 -1.93 -5.03
C PRO A 2 -29.73 -0.44 -4.96
N ARG A 3 -30.74 0.38 -4.72
CA ARG A 3 -30.55 1.82 -4.60
C ARG A 3 -29.82 2.14 -3.29
N SER A 4 -30.05 1.31 -2.29
CA SER A 4 -29.45 1.48 -0.98
C SER A 4 -29.13 0.15 -0.31
N VAL A 5 -28.09 0.15 0.52
CA VAL A 5 -27.68 -1.03 1.26
C VAL A 5 -27.13 -0.62 2.62
N ASP A 6 -27.55 -1.33 3.67
CA ASP A 6 -27.08 -1.08 5.03
C ASP A 6 -26.98 -2.40 5.79
N TRP A 7 -25.80 -3.02 5.72
CA TRP A 7 -25.57 -4.31 6.38
C TRP A 7 -25.75 -4.30 7.89
N ARG A 8 -25.80 -3.12 8.49
CA ARG A 8 -26.01 -3.06 9.92
C ARG A 8 -27.42 -3.58 10.24
N GLU A 9 -28.30 -3.49 9.25
CA GLU A 9 -29.68 -3.94 9.37
C GLU A 9 -29.80 -5.45 9.53
N LYS A 10 -28.81 -6.19 9.01
CA LYS A 10 -28.83 -7.65 9.07
C LYS A 10 -27.87 -8.28 10.09
N GLY A 11 -27.31 -7.46 10.99
CA GLY A 11 -26.42 -7.98 12.01
C GLY A 11 -24.99 -8.35 11.62
N TYR A 12 -24.48 -7.74 10.55
CA TYR A 12 -23.13 -8.01 10.06
C TYR A 12 -22.05 -7.17 10.76
N VAL A 13 -22.47 -6.09 11.42
CA VAL A 13 -21.52 -5.16 12.02
C VAL A 13 -21.57 -5.07 13.55
N THR A 14 -20.40 -5.16 14.17
CA THR A 14 -20.28 -5.05 15.62
C THR A 14 -20.35 -3.57 16.01
N PRO A 15 -20.41 -3.27 17.32
CA PRO A 15 -20.47 -1.86 17.73
C PRO A 15 -19.16 -1.14 17.33
N VAL A 16 -19.20 0.18 17.28
CA VAL A 16 -18.02 0.95 16.92
C VAL A 16 -16.91 0.83 17.97
N LYS A 17 -15.68 0.64 17.48
CA LYS A 17 -14.52 0.49 18.36
C LYS A 17 -13.65 1.73 18.31
N ASN A 18 -12.64 1.78 19.17
CA ASN A 18 -11.74 2.92 19.21
C ASN A 18 -10.28 2.48 19.19
N GLN A 19 -9.56 2.90 18.15
CA GLN A 19 -8.16 2.51 18.00
C GLN A 19 -7.23 3.33 18.92
N GLY A 20 -7.72 4.45 19.43
CA GLY A 20 -6.90 5.27 20.29
C GLY A 20 -5.70 5.85 19.55
N GLN A 21 -4.68 6.24 20.31
CA GLN A 21 -3.47 6.81 19.72
C GLN A 21 -2.50 5.73 19.26
N CYS A 22 -2.92 5.03 18.22
CA CYS A 22 -2.16 3.94 17.63
C CYS A 22 -2.57 3.77 16.14
N GLY A 23 -1.57 3.66 15.27
CA GLY A 23 -1.84 3.51 13.86
C GLY A 23 -2.31 2.12 13.48
N SER A 24 -3.33 1.62 14.16
CA SER A 24 -3.85 0.28 13.91
C SER A 24 -5.18 0.23 13.16
N CSD A 25 -5.56 1.33 12.51
CA CSD A 25 -6.82 1.37 11.76
CB CSD A 25 -6.94 2.69 11.01
SG CSD A 25 -5.31 3.20 10.31
C CSD A 25 -6.94 0.19 10.78
O CSD A 25 -8.03 -0.35 10.58
OD1 CSD A 25 -4.72 3.90 11.43
OD2 CSD A 25 -5.74 3.95 9.16
N TRP A 26 -5.83 -0.18 10.16
CA TRP A 26 -5.84 -1.30 9.21
C TRP A 26 -6.34 -2.57 9.91
N ALA A 27 -6.01 -2.68 11.19
CA ALA A 27 -6.42 -3.85 11.98
C ALA A 27 -7.93 -3.82 12.23
N PHE A 28 -8.47 -2.66 12.60
CA PHE A 28 -9.90 -2.53 12.86
C PHE A 28 -10.72 -2.71 11.59
N SER A 29 -10.19 -2.21 10.48
CA SER A 29 -10.85 -2.36 9.20
C SER A 29 -10.88 -3.85 8.83
N ALA A 30 -9.76 -4.52 9.07
CA ALA A 30 -9.66 -5.94 8.78
C ALA A 30 -10.63 -6.77 9.62
N THR A 31 -10.65 -6.56 10.94
CA THR A 31 -11.57 -7.33 11.78
C THR A 31 -13.02 -7.02 11.43
N GLY A 32 -13.30 -5.78 11.03
CA GLY A 32 -14.65 -5.41 10.66
C GLY A 32 -15.12 -6.21 9.46
N ALA A 33 -14.25 -6.35 8.46
CA ALA A 33 -14.56 -7.10 7.25
C ALA A 33 -14.72 -8.61 7.54
N LEU A 34 -13.81 -9.16 8.35
CA LEU A 34 -13.86 -10.57 8.70
C LEU A 34 -15.11 -10.86 9.56
N GLU A 35 -15.42 -9.93 10.46
CA GLU A 35 -16.58 -10.09 11.31
C GLU A 35 -17.83 -10.23 10.44
N GLY A 36 -17.84 -9.50 9.32
CA GLY A 36 -18.97 -9.57 8.42
C GLY A 36 -19.00 -10.87 7.63
N GLN A 37 -17.83 -11.29 7.14
CA GLN A 37 -17.76 -12.52 6.37
C GLN A 37 -17.99 -13.75 7.25
N MET A 38 -17.44 -13.73 8.46
CA MET A 38 -17.66 -14.85 9.36
C MET A 38 -19.15 -14.94 9.72
N PHE A 39 -19.82 -13.79 9.77
CA PHE A 39 -21.24 -13.78 10.08
C PHE A 39 -22.08 -14.40 8.97
N ARG A 40 -21.77 -14.07 7.73
CA ARG A 40 -22.50 -14.62 6.60
C ARG A 40 -22.27 -16.13 6.48
N LYS A 41 -21.10 -16.57 6.92
CA LYS A 41 -20.75 -17.99 6.85
C LYS A 41 -21.30 -18.83 8.01
N THR A 42 -21.34 -18.27 9.22
CA THR A 42 -21.79 -19.03 10.39
C THR A 42 -23.05 -18.47 11.09
N GLY A 43 -23.51 -17.30 10.69
CA GLY A 43 -24.66 -16.72 11.33
C GLY A 43 -24.34 -16.18 12.72
N ARG A 44 -23.08 -16.27 13.13
CA ARG A 44 -22.63 -15.78 14.44
C ARG A 44 -21.74 -14.55 14.33
N LEU A 45 -22.08 -13.49 15.05
CA LEU A 45 -21.28 -12.27 15.05
C LEU A 45 -20.35 -12.27 16.27
N ILE A 46 -19.05 -12.34 16.02
CA ILE A 46 -18.08 -12.36 17.11
C ILE A 46 -17.00 -11.30 16.91
N SER A 47 -16.95 -10.33 17.81
CA SER A 47 -15.94 -9.29 17.71
C SER A 47 -14.55 -9.92 17.72
N LEU A 48 -13.71 -9.55 16.75
CA LEU A 48 -12.38 -10.10 16.61
C LEU A 48 -11.30 -9.22 17.25
N SER A 49 -10.12 -9.82 17.47
CA SER A 49 -9.02 -9.13 18.13
C SER A 49 -8.06 -8.34 17.23
N GLU A 50 -8.12 -7.02 17.34
CA GLU A 50 -7.20 -6.18 16.58
C GLU A 50 -5.79 -6.32 17.16
N GLN A 51 -5.71 -6.51 18.48
CA GLN A 51 -4.43 -6.66 19.16
C GLN A 51 -3.64 -7.86 18.63
N ASN A 52 -4.37 -8.93 18.35
CA ASN A 52 -3.77 -10.14 17.79
C ASN A 52 -3.08 -9.79 16.44
N LEU A 53 -3.75 -8.96 15.64
CA LEU A 53 -3.21 -8.52 14.36
C LEU A 53 -2.01 -7.59 14.56
N VAL A 54 -2.14 -6.65 15.49
CA VAL A 54 -1.07 -5.70 15.79
C VAL A 54 0.22 -6.36 16.29
N ASP A 55 0.11 -7.37 17.15
CA ASP A 55 1.30 -8.01 17.71
C ASP A 55 1.91 -9.13 16.82
N CYS A 56 1.10 -9.74 15.96
CA CYS A 56 1.61 -10.88 15.20
C CYS A 56 1.74 -10.77 13.67
N SER A 57 1.05 -9.84 13.02
CA SER A 57 1.12 -9.78 11.56
C SER A 57 2.33 -9.03 10.97
N GLY A 58 3.37 -8.86 11.77
CA GLY A 58 4.56 -8.18 11.29
C GLY A 58 5.21 -8.90 10.11
N PRO A 59 5.27 -10.24 10.15
CA PRO A 59 5.87 -10.98 9.04
C PRO A 59 5.20 -10.71 7.70
N GLN A 60 3.89 -10.44 7.75
CA GLN A 60 3.12 -10.18 6.55
C GLN A 60 3.33 -8.76 6.00
N GLY A 61 4.02 -7.91 6.76
CA GLY A 61 4.27 -6.56 6.28
C GLY A 61 3.68 -5.44 7.11
N ASN A 62 2.88 -5.78 8.13
CA ASN A 62 2.27 -4.77 8.99
C ASN A 62 3.30 -4.20 10.00
N GLU A 63 3.04 -2.99 10.47
CA GLU A 63 3.95 -2.32 11.39
C GLU A 63 3.29 -1.87 12.70
N GLY A 64 2.40 -2.70 13.23
CA GLY A 64 1.72 -2.40 14.48
C GLY A 64 1.06 -1.03 14.51
N CYS A 65 1.37 -0.26 15.54
CA CYS A 65 0.81 1.08 15.69
C CYS A 65 1.43 2.08 14.71
N ASN A 66 2.34 1.60 13.87
CA ASN A 66 2.97 2.47 12.88
C ASN A 66 2.39 2.24 11.48
N GLY A 67 1.25 1.57 11.42
CA GLY A 67 0.60 1.34 10.14
C GLY A 67 0.59 -0.07 9.60
N GLY A 68 -0.10 -0.26 8.49
CA GLY A 68 -0.20 -1.58 7.88
C GLY A 68 -1.28 -1.58 6.82
N LEU A 69 -1.66 -2.78 6.36
CA LEU A 69 -2.70 -2.93 5.33
C LEU A 69 -3.73 -4.00 5.74
N MET A 70 -4.99 -3.80 5.33
CA MET A 70 -6.00 -4.78 5.65
C MET A 70 -5.65 -6.13 4.99
N ASP A 71 -5.15 -6.07 3.76
CA ASP A 71 -4.77 -7.28 3.05
C ASP A 71 -3.71 -8.10 3.80
N TYR A 72 -2.74 -7.41 4.39
CA TYR A 72 -1.71 -8.12 5.15
C TYR A 72 -2.34 -8.84 6.34
N ALA A 73 -3.34 -8.19 6.94
CA ALA A 73 -4.06 -8.76 8.07
C ALA A 73 -4.77 -10.04 7.60
N PHE A 74 -5.46 -9.96 6.46
CA PHE A 74 -6.15 -11.13 5.93
C PHE A 74 -5.16 -12.26 5.65
N GLN A 75 -4.02 -11.90 5.06
CA GLN A 75 -3.00 -12.89 4.75
C GLN A 75 -2.50 -13.56 6.03
N TYR A 76 -2.33 -12.78 7.08
CA TYR A 76 -1.87 -13.33 8.36
C TYR A 76 -2.84 -14.41 8.84
N VAL A 77 -4.13 -14.08 8.89
CA VAL A 77 -5.14 -15.03 9.35
C VAL A 77 -5.06 -16.34 8.57
N GLN A 78 -4.88 -16.24 7.25
CA GLN A 78 -4.78 -17.43 6.43
C GLN A 78 -3.52 -18.22 6.76
N ASP A 79 -2.39 -17.53 6.86
CA ASP A 79 -1.12 -18.16 7.21
C ASP A 79 -1.19 -18.77 8.62
N ASN A 80 -1.77 -17.99 9.53
CA ASN A 80 -1.88 -18.36 10.94
C ASN A 80 -2.85 -19.51 11.21
N GLY A 81 -3.86 -19.64 10.38
CA GLY A 81 -4.84 -20.70 10.57
C GLY A 81 -5.91 -20.29 11.56
N GLY A 82 -5.98 -19.00 11.86
CA GLY A 82 -6.97 -18.51 12.80
C GLY A 82 -6.70 -17.12 13.34
N LEU A 83 -7.65 -16.62 14.12
CA LEU A 83 -7.55 -15.30 14.74
C LEU A 83 -8.34 -15.31 16.04
N ASP A 84 -7.73 -14.83 17.12
CA ASP A 84 -8.41 -14.81 18.40
C ASP A 84 -9.55 -13.81 18.46
N SER A 85 -10.48 -14.06 19.37
CA SER A 85 -11.64 -13.20 19.56
C SER A 85 -11.24 -11.96 20.36
N GLU A 86 -11.98 -10.88 20.20
CA GLU A 86 -11.71 -9.65 20.93
C GLU A 86 -11.67 -9.93 22.44
N GLU A 87 -12.58 -10.80 22.89
CA GLU A 87 -12.70 -11.15 24.30
C GLU A 87 -11.45 -11.84 24.88
N SER A 88 -10.88 -12.76 24.12
CA SER A 88 -9.70 -13.50 24.58
C SER A 88 -8.41 -12.71 24.39
N TYR A 89 -8.40 -11.82 23.41
CA TYR A 89 -7.21 -11.02 23.10
C TYR A 89 -7.57 -9.52 23.05
N PRO A 90 -7.77 -8.90 24.23
CA PRO A 90 -8.13 -7.49 24.40
C PRO A 90 -7.20 -6.46 23.73
N TYR A 91 -7.77 -5.34 23.34
CA TYR A 91 -7.02 -4.28 22.68
C TYR A 91 -6.26 -3.40 23.70
N GLU A 92 -5.01 -3.08 23.40
CA GLU A 92 -4.21 -2.27 24.30
C GLU A 92 -3.72 -0.95 23.67
N ALA A 93 -3.92 -0.83 22.35
CA ALA A 93 -3.51 0.38 21.65
C ALA A 93 -1.99 0.60 21.71
N THR A 94 -1.25 -0.50 21.75
CA THR A 94 0.20 -0.49 21.78
C THR A 94 0.73 -1.86 21.36
N GLU A 95 1.85 -1.88 20.63
CA GLU A 95 2.39 -3.15 20.14
C GLU A 95 3.07 -3.96 21.25
N GLU A 96 2.69 -5.24 21.34
CA GLU A 96 3.23 -6.16 22.33
C GLU A 96 3.73 -7.43 21.64
N SER A 97 4.21 -8.39 22.44
CA SER A 97 4.68 -9.65 21.86
C SER A 97 3.47 -10.48 21.43
N CYS A 98 3.63 -11.25 20.37
CA CYS A 98 2.54 -12.08 19.89
C CYS A 98 2.08 -13.10 20.95
N LYS A 99 0.79 -13.06 21.28
CA LYS A 99 0.23 -13.98 22.26
C LYS A 99 -0.92 -14.79 21.68
N TYR A 100 -0.83 -15.07 20.38
CA TYR A 100 -1.86 -15.84 19.70
C TYR A 100 -2.06 -17.24 20.28
N ASN A 101 -3.32 -17.57 20.55
CA ASN A 101 -3.65 -18.89 21.09
C ASN A 101 -4.75 -19.55 20.24
N PRO A 102 -4.39 -20.62 19.49
CA PRO A 102 -5.34 -21.32 18.64
C PRO A 102 -6.60 -21.84 19.35
N LYS A 103 -6.49 -22.05 20.67
CA LYS A 103 -7.62 -22.53 21.45
C LYS A 103 -8.75 -21.50 21.50
N TYR A 104 -8.41 -20.23 21.29
CA TYR A 104 -9.39 -19.17 21.33
C TYR A 104 -9.70 -18.59 19.94
N SER A 105 -9.22 -19.28 18.90
CA SER A 105 -9.47 -18.86 17.52
C SER A 105 -10.96 -18.99 17.18
N VAL A 106 -11.55 -17.92 16.67
CA VAL A 106 -12.97 -17.94 16.32
C VAL A 106 -13.22 -17.47 14.89
N ALA A 107 -12.15 -17.24 14.15
CA ALA A 107 -12.26 -16.78 12.77
C ALA A 107 -11.14 -17.32 11.90
N ASN A 108 -11.34 -17.23 10.58
CA ASN A 108 -10.35 -17.72 9.65
C ASN A 108 -10.72 -17.32 8.22
N ASP A 109 -9.73 -17.26 7.34
CA ASP A 109 -10.01 -16.94 5.95
C ASP A 109 -9.02 -17.65 5.03
N THR A 110 -9.42 -17.83 3.78
CA THR A 110 -8.58 -18.49 2.79
C THR A 110 -8.06 -17.50 1.73
N GLY A 111 -7.68 -16.31 2.20
CA GLY A 111 -7.17 -15.30 1.29
C GLY A 111 -8.06 -14.08 1.22
N PHE A 112 -7.89 -13.28 0.18
CA PHE A 112 -8.68 -12.06 0.03
C PHE A 112 -8.82 -11.66 -1.44
N VAL A 113 -9.79 -10.80 -1.71
CA VAL A 113 -10.03 -10.31 -3.04
C VAL A 113 -9.87 -8.79 -3.09
N ASP A 114 -9.08 -8.32 -4.03
CA ASP A 114 -8.88 -6.89 -4.24
C ASP A 114 -9.87 -6.43 -5.30
N ILE A 115 -10.74 -5.48 -4.93
CA ILE A 115 -11.77 -4.98 -5.81
C ILE A 115 -11.23 -4.01 -6.86
N PRO A 116 -11.75 -4.07 -8.11
CA PRO A 116 -11.28 -3.15 -9.14
C PRO A 116 -11.45 -1.71 -8.62
N LYS A 117 -10.47 -0.86 -8.88
CA LYS A 117 -10.47 0.52 -8.40
C LYS A 117 -11.53 1.42 -9.04
N GLN A 118 -12.78 1.01 -8.93
CA GLN A 118 -13.92 1.73 -9.47
C GLN A 118 -15.05 1.78 -8.44
N GLU A 119 -15.72 2.93 -8.31
CA GLU A 119 -16.83 3.03 -7.37
C GLU A 119 -17.97 2.09 -7.78
N LYS A 120 -18.14 1.92 -9.10
CA LYS A 120 -19.17 1.03 -9.62
C LYS A 120 -18.92 -0.41 -9.10
N ALA A 121 -17.66 -0.83 -9.15
CA ALA A 121 -17.28 -2.16 -8.68
C ALA A 121 -17.41 -2.28 -7.16
N LEU A 122 -17.05 -1.22 -6.44
CA LEU A 122 -17.14 -1.22 -5.00
C LEU A 122 -18.62 -1.38 -4.58
N MET A 123 -19.51 -0.77 -5.36
CA MET A 123 -20.94 -0.85 -5.10
C MET A 123 -21.45 -2.30 -5.22
N LYS A 124 -21.03 -2.98 -6.27
CA LYS A 124 -21.43 -4.35 -6.48
C LYS A 124 -20.91 -5.25 -5.35
N ALA A 125 -19.67 -5.04 -4.95
CA ALA A 125 -19.07 -5.80 -3.86
C ALA A 125 -19.88 -5.61 -2.57
N VAL A 126 -20.12 -4.35 -2.22
CA VAL A 126 -20.88 -4.02 -1.03
C VAL A 126 -22.28 -4.66 -1.09
N ALA A 127 -22.92 -4.55 -2.25
CA ALA A 127 -24.27 -5.11 -2.42
C ALA A 127 -24.30 -6.64 -2.44
N THR A 128 -23.20 -7.29 -2.81
CA THR A 128 -23.22 -8.75 -2.89
C THR A 128 -22.31 -9.50 -1.90
N VAL A 129 -21.45 -8.80 -1.18
CA VAL A 129 -20.54 -9.52 -0.29
C VAL A 129 -20.72 -9.23 1.19
N GLY A 130 -20.99 -7.97 1.51
CA GLY A 130 -21.14 -7.58 2.90
C GLY A 130 -20.17 -6.42 3.11
N PRO A 131 -19.91 -6.02 4.37
CA PRO A 131 -18.98 -4.91 4.61
C PRO A 131 -17.65 -5.10 3.86
N ILE A 132 -17.14 -4.01 3.29
CA ILE A 132 -15.89 -4.06 2.55
C ILE A 132 -14.81 -3.15 3.18
N SER A 133 -13.57 -3.63 3.22
CA SER A 133 -12.47 -2.83 3.75
C SER A 133 -12.01 -1.81 2.69
N VAL A 134 -11.82 -0.57 3.10
CA VAL A 134 -11.37 0.46 2.17
C VAL A 134 -10.43 1.46 2.82
N ALA A 135 -9.72 2.22 1.99
CA ALA A 135 -8.81 3.24 2.48
C ALA A 135 -9.24 4.60 1.93
N ILE A 136 -9.14 5.63 2.77
CA ILE A 136 -9.51 6.97 2.32
C ILE A 136 -8.52 7.99 2.85
N ASP A 137 -8.50 9.15 2.19
CA ASP A 137 -7.65 10.24 2.62
C ASP A 137 -8.41 10.99 3.74
N ALA A 138 -8.06 10.69 5.00
CA ALA A 138 -8.73 11.32 6.14
C ALA A 138 -7.83 12.35 6.82
N GLY A 139 -6.77 12.74 6.12
CA GLY A 139 -5.82 13.69 6.67
C GLY A 139 -6.15 15.18 6.67
N HIS A 140 -7.43 15.53 6.71
CA HIS A 140 -7.82 16.95 6.76
C HIS A 140 -8.63 17.23 8.02
N GLU A 141 -8.51 18.44 8.55
CA GLU A 141 -9.24 18.77 9.77
C GLU A 141 -10.75 18.67 9.59
N SER A 142 -11.20 18.75 8.35
CA SER A 142 -12.63 18.61 8.07
C SER A 142 -13.08 17.20 8.47
N PHE A 143 -12.18 16.23 8.37
CA PHE A 143 -12.50 14.86 8.76
C PHE A 143 -12.43 14.73 10.28
N LEU A 144 -11.44 15.38 10.88
CA LEU A 144 -11.30 15.34 12.33
C LEU A 144 -12.52 15.97 13.02
N PHE A 145 -13.07 17.04 12.43
CA PHE A 145 -14.23 17.75 12.99
C PHE A 145 -15.57 17.21 12.50
N TYR A 146 -15.56 16.17 11.67
CA TYR A 146 -16.80 15.64 11.14
C TYR A 146 -17.82 15.24 12.21
N LYS A 147 -19.05 15.72 12.04
CA LYS A 147 -20.14 15.42 12.96
C LYS A 147 -21.32 14.76 12.23
N GLU A 148 -21.79 15.39 11.15
CA GLU A 148 -22.91 14.84 10.40
C GLU A 148 -22.98 15.29 8.92
N GLY A 149 -23.90 14.69 8.19
CA GLY A 149 -24.10 15.01 6.78
C GLY A 149 -23.19 14.24 5.86
N ILE A 150 -23.29 14.53 4.56
CA ILE A 150 -22.46 13.88 3.56
C ILE A 150 -21.08 14.57 3.53
N TYR A 151 -20.05 13.84 3.93
CA TYR A 151 -18.68 14.37 3.96
C TYR A 151 -18.07 14.56 2.58
N PHE A 152 -17.72 15.81 2.27
CA PHE A 152 -17.08 16.13 1.01
C PHE A 152 -15.94 17.10 1.26
N GLU A 153 -14.72 16.65 1.00
CA GLU A 153 -13.53 17.47 1.18
C GLU A 153 -12.91 17.85 -0.17
N PRO A 154 -13.02 19.13 -0.55
CA PRO A 154 -12.46 19.62 -1.82
C PRO A 154 -10.97 19.32 -2.02
N ASP A 155 -10.21 19.29 -0.93
CA ASP A 155 -8.78 19.04 -1.03
C ASP A 155 -8.40 17.55 -0.84
N CYS A 156 -9.40 16.68 -0.90
CA CYS A 156 -9.14 15.24 -0.73
C CYS A 156 -8.37 14.65 -1.91
N SER A 157 -7.58 13.63 -1.60
CA SER A 157 -6.79 12.93 -2.62
C SER A 157 -7.38 11.56 -2.90
N SER A 158 -7.38 11.18 -4.16
CA SER A 158 -7.88 9.86 -4.55
C SER A 158 -6.68 8.95 -4.80
N GLU A 159 -5.48 9.50 -4.60
CA GLU A 159 -4.23 8.76 -4.80
C GLU A 159 -3.62 8.27 -3.48
N ASP A 160 -3.35 9.19 -2.56
CA ASP A 160 -2.76 8.83 -1.28
C ASP A 160 -3.80 8.70 -0.16
N MET A 161 -4.16 7.47 0.17
CA MET A 161 -5.10 7.22 1.25
C MET A 161 -4.30 6.90 2.52
N ASP A 162 -4.75 7.39 3.67
CA ASP A 162 -3.98 7.15 4.89
C ASP A 162 -4.79 6.55 6.03
N HIS A 163 -6.08 6.29 5.79
CA HIS A 163 -6.93 5.78 6.85
C HIS A 163 -7.78 4.59 6.41
N GLY A 164 -7.52 3.43 7.00
CA GLY A 164 -8.28 2.24 6.68
C GLY A 164 -9.58 2.24 7.49
N VAL A 165 -10.70 2.15 6.78
CA VAL A 165 -12.03 2.14 7.40
C VAL A 165 -12.90 0.99 6.83
N LEU A 166 -14.18 0.99 7.18
CA LEU A 166 -15.06 -0.08 6.71
C LEU A 166 -16.37 0.42 6.11
N VAL A 167 -16.60 0.06 4.84
CA VAL A 167 -17.83 0.42 4.17
C VAL A 167 -18.90 -0.63 4.50
N VAL A 168 -19.94 -0.24 5.21
CA VAL A 168 -21.01 -1.17 5.55
C VAL A 168 -22.26 -0.98 4.69
N GLY A 169 -22.19 -0.04 3.75
CA GLY A 169 -23.33 0.20 2.87
C GLY A 169 -23.24 1.47 2.04
N TYR A 170 -24.37 1.87 1.49
CA TYR A 170 -24.46 3.10 0.68
C TYR A 170 -25.91 3.50 0.44
N GLY A 171 -26.12 4.78 0.12
CA GLY A 171 -27.47 5.25 -0.12
C GLY A 171 -27.48 6.65 -0.72
N PHE A 172 -28.59 7.34 -0.51
CA PHE A 172 -28.75 8.70 -1.00
C PHE A 172 -29.70 9.49 -0.11
N GLU A 173 -29.60 10.82 -0.17
CA GLU A 173 -30.46 11.69 0.59
C GLU A 173 -31.48 12.37 -0.34
N SER A 174 -32.58 12.82 0.23
CA SER A 174 -33.64 13.46 -0.54
C SER A 174 -33.29 14.90 -0.93
N ASN A 180 -25.71 13.95 -3.61
CA ASN A 180 -26.71 13.48 -2.65
C ASN A 180 -26.53 11.99 -2.31
N LYS A 181 -25.61 11.33 -3.00
CA LYS A 181 -25.32 9.93 -2.74
C LYS A 181 -24.11 9.80 -1.80
N TYR A 182 -24.07 8.72 -1.03
CA TYR A 182 -22.98 8.54 -0.07
C TYR A 182 -22.67 7.07 0.25
N TRP A 183 -21.51 6.83 0.83
CA TRP A 183 -21.13 5.49 1.28
C TRP A 183 -21.23 5.48 2.80
N LEU A 184 -21.85 4.45 3.37
CA LEU A 184 -21.95 4.35 4.82
C LEU A 184 -20.65 3.77 5.33
N VAL A 185 -19.85 4.60 5.99
CA VAL A 185 -18.54 4.19 6.46
C VAL A 185 -18.38 4.11 7.98
N LYS A 186 -17.90 2.95 8.44
CA LYS A 186 -17.64 2.73 9.85
C LYS A 186 -16.18 3.06 10.16
N ASN A 187 -15.98 4.04 11.03
CA ASN A 187 -14.64 4.47 11.42
C ASN A 187 -14.25 3.73 12.72
N SER A 188 -13.02 3.93 13.17
CA SER A 188 -12.55 3.27 14.40
C SER A 188 -11.97 4.30 15.36
N TRP A 189 -12.67 5.43 15.47
CA TRP A 189 -12.27 6.53 16.34
C TRP A 189 -13.25 6.70 17.51
N GLY A 190 -14.00 5.64 17.82
CA GLY A 190 -14.96 5.73 18.92
C GLY A 190 -16.33 6.11 18.41
N GLU A 191 -17.34 5.96 19.25
CA GLU A 191 -18.71 6.27 18.86
C GLU A 191 -19.12 7.74 19.05
N GLU A 192 -18.25 8.54 19.66
CA GLU A 192 -18.55 9.96 19.89
C GLU A 192 -18.18 10.83 18.67
N TRP A 193 -17.32 10.29 17.80
CA TRP A 193 -16.91 10.99 16.59
C TRP A 193 -17.98 10.79 15.50
N GLY A 194 -18.18 11.79 14.66
CA GLY A 194 -19.15 11.68 13.59
C GLY A 194 -20.54 11.21 14.00
N MET A 195 -21.18 10.41 13.16
CA MET A 195 -22.50 9.90 13.44
C MET A 195 -22.42 8.55 14.15
N GLY A 196 -22.24 8.58 15.46
CA GLY A 196 -22.14 7.35 16.22
C GLY A 196 -20.91 6.55 15.83
N GLY A 197 -19.93 7.22 15.25
CA GLY A 197 -18.72 6.55 14.84
C GLY A 197 -18.69 6.33 13.35
N TYR A 198 -19.80 6.68 12.69
CA TYR A 198 -19.92 6.53 11.25
C TYR A 198 -19.79 7.88 10.52
N VAL A 199 -19.59 7.79 9.22
CA VAL A 199 -19.48 8.94 8.36
C VAL A 199 -20.07 8.62 6.97
N LYS A 200 -20.86 9.55 6.45
CA LYS A 200 -21.44 9.37 5.12
C LYS A 200 -20.54 10.11 4.15
N MET A 201 -19.85 9.37 3.29
CA MET A 201 -18.96 10.05 2.38
C MET A 201 -19.40 10.04 0.93
N ALA A 202 -19.18 11.19 0.30
CA ALA A 202 -19.53 11.41 -1.07
C ALA A 202 -19.31 10.18 -1.95
N LYS A 203 -20.40 9.71 -2.56
CA LYS A 203 -20.34 8.56 -3.45
C LYS A 203 -20.58 9.03 -4.89
N ASP A 204 -19.87 8.43 -5.83
CA ASP A 204 -20.00 8.80 -7.24
C ASP A 204 -19.61 10.26 -7.53
N ARG A 205 -18.63 10.75 -6.76
CA ARG A 205 -18.08 12.08 -6.92
C ARG A 205 -16.61 11.90 -7.31
N ARG A 206 -16.37 11.13 -8.36
CA ARG A 206 -15.03 10.84 -8.85
C ARG A 206 -14.13 10.21 -7.77
N ASN A 207 -14.52 9.06 -7.27
CA ASN A 207 -13.76 8.35 -6.24
C ASN A 207 -13.22 9.33 -5.18
N HIS A 208 -14.15 10.03 -4.54
CA HIS A 208 -13.83 11.02 -3.52
C HIS A 208 -12.96 10.46 -2.39
N CYS A 209 -11.87 11.15 -2.12
CA CYS A 209 -10.93 10.74 -1.09
C CYS A 209 -10.34 9.33 -1.36
N GLY A 210 -10.50 8.85 -2.59
CA GLY A 210 -9.97 7.55 -2.99
C GLY A 210 -10.59 6.34 -2.31
N ILE A 211 -11.87 6.43 -1.95
CA ILE A 211 -12.54 5.35 -1.25
C ILE A 211 -12.56 4.00 -2.00
N ALA A 212 -12.49 4.04 -3.33
CA ALA A 212 -12.51 2.80 -4.12
C ALA A 212 -11.13 2.40 -4.67
N SER A 213 -10.09 3.13 -4.26
CA SER A 213 -8.74 2.85 -4.75
C SER A 213 -8.05 1.64 -4.08
N ALA A 214 -8.40 1.34 -2.84
CA ALA A 214 -7.79 0.22 -2.17
C ALA A 214 -8.83 -0.61 -1.40
N ALA A 215 -9.88 -1.02 -2.11
CA ALA A 215 -10.97 -1.80 -1.51
C ALA A 215 -10.71 -3.31 -1.55
N SER A 216 -11.11 -4.01 -0.49
CA SER A 216 -10.94 -5.46 -0.44
C SER A 216 -11.73 -6.13 0.70
N TYR A 217 -11.73 -7.45 0.71
CA TYR A 217 -12.40 -8.24 1.73
C TYR A 217 -11.81 -9.65 1.81
N PRO A 218 -11.90 -10.29 2.98
CA PRO A 218 -11.35 -11.64 3.13
C PRO A 218 -12.31 -12.71 2.62
N THR A 219 -11.77 -13.79 2.07
CA THR A 219 -12.61 -14.88 1.58
C THR A 219 -12.70 -15.98 2.62
N VAL A 220 -13.92 -16.34 3.01
CA VAL A 220 -14.12 -17.37 4.01
C VAL A 220 -14.86 -18.57 3.42
N ALA B 1 22.58 3.62 12.38
CA ALA B 1 21.33 3.37 11.61
C ALA B 1 20.36 2.51 12.42
N PRO B 2 19.05 2.80 12.32
CA PRO B 2 18.06 2.01 13.06
C PRO B 2 18.14 0.51 12.74
N ARG B 3 17.62 -0.31 13.63
CA ARG B 3 17.59 -1.74 13.41
C ARG B 3 16.59 -2.04 12.30
N SER B 4 15.60 -1.16 12.20
CA SER B 4 14.55 -1.28 11.20
C SER B 4 14.11 0.08 10.64
N VAL B 5 13.68 0.05 9.38
CA VAL B 5 13.19 1.23 8.68
C VAL B 5 12.09 0.81 7.69
N ASP B 6 11.07 1.65 7.56
CA ASP B 6 9.97 1.37 6.65
C ASP B 6 9.30 2.70 6.30
N TRP B 7 9.79 3.33 5.24
CA TRP B 7 9.28 4.63 4.84
C TRP B 7 7.80 4.64 4.47
N ARG B 8 7.20 3.47 4.31
CA ARG B 8 5.78 3.42 3.99
C ARG B 8 4.96 4.04 5.13
N GLU B 9 5.50 3.92 6.34
CA GLU B 9 4.86 4.43 7.54
C GLU B 9 4.74 5.95 7.56
N LYS B 10 5.66 6.64 6.89
CA LYS B 10 5.69 8.10 6.89
C LYS B 10 5.06 8.79 5.67
N GLY B 11 4.52 8.01 4.74
CA GLY B 11 3.90 8.61 3.56
C GLY B 11 4.81 8.94 2.39
N TYR B 12 5.94 8.25 2.30
CA TYR B 12 6.90 8.45 1.22
C TYR B 12 6.61 7.56 0.02
N VAL B 13 5.76 6.55 0.23
CA VAL B 13 5.50 5.56 -0.81
C VAL B 13 4.05 5.51 -1.31
N THR B 14 3.92 5.48 -2.64
CA THR B 14 2.62 5.38 -3.29
C THR B 14 2.20 3.90 -3.35
N PRO B 15 0.94 3.62 -3.69
CA PRO B 15 0.53 2.22 -3.76
C PRO B 15 1.34 1.47 -4.83
N VAL B 16 1.27 0.14 -4.81
CA VAL B 16 2.01 -0.65 -5.78
C VAL B 16 1.41 -0.53 -7.18
N LYS B 17 2.28 -0.35 -8.17
CA LYS B 17 1.87 -0.22 -9.55
C LYS B 17 2.20 -1.48 -10.36
N ASN B 18 1.72 -1.54 -11.60
CA ASN B 18 1.96 -2.69 -12.46
C ASN B 18 2.53 -2.27 -13.82
N GLN B 19 3.77 -2.63 -14.10
CA GLN B 19 4.40 -2.27 -15.36
C GLN B 19 3.82 -3.04 -16.54
N GLY B 20 3.10 -4.12 -16.23
CA GLY B 20 2.50 -4.93 -17.28
C GLY B 20 3.56 -5.64 -18.11
N GLN B 21 3.22 -5.89 -19.37
CA GLN B 21 4.11 -6.57 -20.30
C GLN B 21 5.01 -5.59 -21.04
N CYS B 22 5.83 -4.90 -20.26
CA CYS B 22 6.75 -3.88 -20.75
C CYS B 22 8.01 -3.81 -19.86
N GLY B 23 9.17 -3.73 -20.48
CA GLY B 23 10.42 -3.68 -19.74
C GLY B 23 10.72 -2.32 -19.15
N SER B 24 9.72 -1.74 -18.50
CA SER B 24 9.85 -0.41 -17.92
C SER B 24 10.06 -0.38 -16.40
N CSD B 25 10.58 -1.46 -15.82
CA CSD B 25 10.80 -1.48 -14.38
CB CSD B 25 11.41 -2.80 -13.95
SG CSD B 25 12.70 -3.36 -15.13
C CSD B 25 11.71 -0.30 -13.94
O CSD B 25 11.54 0.24 -12.84
OD1 CSD B 25 11.90 -3.69 -16.29
OD2 CSD B 25 13.35 -4.42 -14.41
N TRP B 26 12.66 0.07 -14.78
CA TRP B 26 13.57 1.17 -14.47
C TRP B 26 12.80 2.49 -14.29
N ALA B 27 11.71 2.65 -15.05
CA ALA B 27 10.89 3.84 -14.96
C ALA B 27 10.08 3.88 -13.64
N PHE B 28 9.54 2.73 -13.25
CA PHE B 28 8.77 2.66 -12.00
C PHE B 28 9.69 2.84 -10.78
N SER B 29 10.86 2.20 -10.84
CA SER B 29 11.83 2.33 -9.76
C SER B 29 12.25 3.80 -9.63
N ALA B 30 12.40 4.46 -10.77
CA ALA B 30 12.76 5.88 -10.80
C ALA B 30 11.63 6.75 -10.24
N THR B 31 10.39 6.51 -10.68
CA THR B 31 9.28 7.31 -10.15
C THR B 31 9.12 7.09 -8.65
N GLY B 32 9.31 5.84 -8.23
CA GLY B 32 9.19 5.51 -6.82
C GLY B 32 10.16 6.30 -5.98
N ALA B 33 11.41 6.39 -6.43
CA ALA B 33 12.44 7.13 -5.71
C ALA B 33 12.19 8.65 -5.71
N LEU B 34 11.72 9.16 -6.85
CA LEU B 34 11.43 10.58 -6.99
C LEU B 34 10.22 10.96 -6.14
N GLU B 35 9.21 10.10 -6.16
CA GLU B 35 8.02 10.35 -5.35
C GLU B 35 8.46 10.50 -3.89
N GLY B 36 9.44 9.69 -3.50
CA GLY B 36 9.94 9.72 -2.14
C GLY B 36 10.71 10.97 -1.83
N GLN B 37 11.58 11.39 -2.75
CA GLN B 37 12.37 12.59 -2.55
C GLN B 37 11.53 13.86 -2.69
N MET B 38 10.52 13.83 -3.55
CA MET B 38 9.64 14.99 -3.72
C MET B 38 8.77 15.14 -2.47
N PHE B 39 8.38 14.02 -1.88
CA PHE B 39 7.58 14.07 -0.65
C PHE B 39 8.38 14.74 0.46
N ARG B 40 9.67 14.39 0.54
CA ARG B 40 10.55 14.96 1.55
C ARG B 40 10.77 16.48 1.31
N LYS B 41 10.83 16.87 0.05
CA LYS B 41 11.07 18.27 -0.29
C LYS B 41 9.83 19.18 -0.17
N THR B 42 8.65 18.65 -0.48
CA THR B 42 7.43 19.46 -0.45
C THR B 42 6.39 19.01 0.58
N GLY B 43 6.53 17.79 1.09
CA GLY B 43 5.56 17.32 2.05
C GLY B 43 4.33 16.79 1.33
N ARG B 44 4.37 16.73 0.01
CA ARG B 44 3.24 16.21 -0.74
C ARG B 44 3.62 15.00 -1.60
N LEU B 45 2.86 13.92 -1.44
CA LEU B 45 3.10 12.70 -2.21
C LEU B 45 2.22 12.69 -3.46
N ILE B 46 2.86 12.76 -4.63
CA ILE B 46 2.14 12.74 -5.90
C ILE B 46 2.68 11.63 -6.81
N SER B 47 1.78 10.79 -7.32
CA SER B 47 2.20 9.72 -8.19
C SER B 47 2.77 10.30 -9.51
N LEU B 48 3.96 9.84 -9.90
CA LEU B 48 4.61 10.35 -11.10
C LEU B 48 4.37 9.45 -12.34
N SER B 49 4.55 10.03 -13.51
CA SER B 49 4.30 9.36 -14.79
C SER B 49 5.45 8.48 -15.30
N GLU B 50 5.26 7.16 -15.29
CA GLU B 50 6.28 6.28 -15.83
C GLU B 50 6.28 6.38 -17.36
N GLN B 51 5.08 6.58 -17.92
CA GLN B 51 4.90 6.68 -19.36
C GLN B 51 5.68 7.88 -19.92
N ASN B 52 5.73 8.96 -19.14
CA ASN B 52 6.47 10.15 -19.53
C ASN B 52 7.92 9.76 -19.80
N LEU B 53 8.48 8.98 -18.87
CA LEU B 53 9.86 8.50 -18.95
C LEU B 53 10.04 7.52 -20.11
N VAL B 54 9.11 6.58 -20.23
CA VAL B 54 9.16 5.57 -21.28
C VAL B 54 9.15 6.18 -22.70
N ASP B 55 8.34 7.21 -22.90
CA ASP B 55 8.22 7.84 -24.21
C ASP B 55 9.28 8.92 -24.51
N CYS B 56 9.84 9.56 -23.48
CA CYS B 56 10.77 10.67 -23.70
C CYS B 56 12.25 10.49 -23.31
N SER B 57 12.59 9.52 -22.47
CA SER B 57 13.98 9.41 -22.03
C SER B 57 14.93 8.65 -22.99
N GLY B 58 14.54 8.53 -24.25
CA GLY B 58 15.36 7.85 -25.24
C GLY B 58 16.76 8.46 -25.40
N PRO B 59 16.85 9.80 -25.48
CA PRO B 59 18.13 10.50 -25.63
C PRO B 59 19.11 10.21 -24.48
N GLN B 60 18.58 10.04 -23.27
CA GLN B 60 19.42 9.76 -22.11
C GLN B 60 19.96 8.32 -22.09
N GLY B 61 19.46 7.48 -23.00
CA GLY B 61 19.94 6.11 -23.06
C GLY B 61 18.93 5.00 -22.79
N ASN B 62 17.70 5.36 -22.48
CA ASN B 62 16.70 4.32 -22.21
C ASN B 62 16.08 3.74 -23.50
N GLU B 63 15.59 2.52 -23.42
CA GLU B 63 14.99 1.83 -24.58
C GLU B 63 13.51 1.45 -24.39
N GLY B 64 12.71 2.35 -23.84
CA GLY B 64 11.30 2.05 -23.64
C GLY B 64 11.01 0.74 -22.93
N CYS B 65 10.16 -0.08 -23.54
CA CYS B 65 9.82 -1.37 -22.96
C CYS B 65 10.94 -2.41 -23.15
N ASN B 66 12.02 -2.00 -23.82
CA ASN B 66 13.14 -2.91 -24.04
C ASN B 66 14.23 -2.75 -22.97
N GLY B 67 13.97 -1.89 -22.00
CA GLY B 67 14.93 -1.68 -20.94
C GLY B 67 15.42 -0.26 -20.72
N GLY B 68 16.13 -0.06 -19.61
CA GLY B 68 16.66 1.26 -19.29
C GLY B 68 17.36 1.28 -17.94
N LEU B 69 17.64 2.49 -17.45
CA LEU B 69 18.31 2.68 -16.17
C LEU B 69 17.63 3.77 -15.34
N MET B 70 17.58 3.58 -14.02
CA MET B 70 16.99 4.58 -13.14
C MET B 70 17.77 5.90 -13.25
N ASP B 71 19.09 5.82 -13.30
CA ASP B 71 19.93 7.01 -13.44
C ASP B 71 19.60 7.76 -14.74
N TYR B 72 19.39 7.02 -15.81
CA TYR B 72 19.04 7.62 -17.09
C TYR B 72 17.71 8.39 -16.97
N ALA B 73 16.80 7.85 -16.16
CA ALA B 73 15.52 8.50 -15.93
C ALA B 73 15.73 9.79 -15.12
N PHE B 74 16.48 9.70 -14.02
CA PHE B 74 16.76 10.88 -13.22
C PHE B 74 17.43 11.97 -14.07
N GLN B 75 18.32 11.55 -14.96
CA GLN B 75 19.04 12.49 -15.83
C GLN B 75 18.07 13.14 -16.83
N TYR B 76 17.12 12.37 -17.34
CA TYR B 76 16.13 12.93 -18.25
C TYR B 76 15.33 14.04 -17.55
N VAL B 77 14.86 13.76 -16.35
CA VAL B 77 14.08 14.73 -15.59
C VAL B 77 14.86 16.03 -15.39
N GLN B 78 16.15 15.91 -15.12
CA GLN B 78 16.98 17.10 -14.93
C GLN B 78 17.15 17.88 -16.25
N ASP B 79 17.47 17.16 -17.33
CA ASP B 79 17.61 17.81 -18.64
C ASP B 79 16.28 18.40 -19.10
N ASN B 80 15.20 17.64 -18.90
CA ASN B 80 13.87 18.05 -19.31
C ASN B 80 13.29 19.17 -18.44
N GLY B 81 13.88 19.36 -17.27
CA GLY B 81 13.41 20.39 -16.35
C GLY B 81 12.06 20.07 -15.71
N GLY B 82 11.66 18.81 -15.72
CA GLY B 82 10.39 18.44 -15.11
C GLY B 82 9.89 17.06 -15.50
N LEU B 83 8.79 16.65 -14.84
CA LEU B 83 8.17 15.34 -15.09
C LEU B 83 6.65 15.40 -14.76
N ASP B 84 5.83 14.91 -15.68
CA ASP B 84 4.38 14.95 -15.49
C ASP B 84 3.85 13.98 -14.43
N SER B 85 2.71 14.34 -13.86
CA SER B 85 2.06 13.51 -12.87
C SER B 85 1.48 12.27 -13.53
N GLU B 86 1.29 11.22 -12.75
CA GLU B 86 0.72 9.99 -13.27
C GLU B 86 -0.68 10.27 -13.85
N GLU B 87 -1.45 11.09 -13.15
CA GLU B 87 -2.80 11.45 -13.56
C GLU B 87 -2.87 12.17 -14.92
N SER B 88 -1.91 13.05 -15.21
CA SER B 88 -1.91 13.79 -16.46
C SER B 88 -1.32 12.98 -17.63
N TYR B 89 -0.35 12.13 -17.33
CA TYR B 89 0.32 11.32 -18.34
C TYR B 89 0.19 9.83 -17.96
N PRO B 90 -1.02 9.27 -18.12
CA PRO B 90 -1.36 7.87 -17.83
C PRO B 90 -0.38 6.82 -18.39
N TYR B 91 -0.35 5.65 -17.77
CA TYR B 91 0.50 4.55 -18.20
C TYR B 91 -0.18 3.66 -19.25
N GLU B 92 0.50 3.41 -20.36
CA GLU B 92 -0.04 2.58 -21.45
C GLU B 92 0.68 1.25 -21.63
N ALA B 93 1.78 1.06 -20.90
CA ALA B 93 2.56 -0.18 -20.99
C ALA B 93 3.09 -0.46 -22.40
N THR B 94 3.36 0.61 -23.14
CA THR B 94 3.88 0.52 -24.50
C THR B 94 4.45 1.87 -24.91
N GLU B 95 5.60 1.87 -25.59
CA GLU B 95 6.22 3.13 -25.98
C GLU B 95 5.42 3.90 -27.03
N GLU B 96 5.24 5.19 -26.78
CA GLU B 96 4.52 6.09 -27.68
C GLU B 96 5.36 7.35 -27.91
N SER B 97 4.83 8.29 -28.67
CA SER B 97 5.56 9.53 -28.92
C SER B 97 5.62 10.36 -27.64
N CYS B 98 6.70 11.10 -27.46
CA CYS B 98 6.85 11.92 -26.27
C CYS B 98 5.79 13.03 -26.22
N LYS B 99 4.93 12.95 -25.20
CA LYS B 99 3.85 13.93 -25.05
C LYS B 99 4.02 14.80 -23.81
N TYR B 100 5.25 15.01 -23.37
CA TYR B 100 5.51 15.82 -22.19
C TYR B 100 4.90 17.22 -22.26
N ASN B 101 4.24 17.63 -21.18
CA ASN B 101 3.64 18.95 -21.10
C ASN B 101 4.11 19.64 -19.81
N PRO B 102 4.89 20.72 -19.93
CA PRO B 102 5.38 21.43 -18.75
C PRO B 102 4.31 21.89 -17.77
N LYS B 103 3.13 22.23 -18.28
CA LYS B 103 2.03 22.69 -17.43
C LYS B 103 1.61 21.66 -16.38
N TYR B 104 1.86 20.38 -16.66
CA TYR B 104 1.50 19.32 -15.74
C TYR B 104 2.69 18.73 -14.97
N SER B 105 3.82 19.42 -15.01
CA SER B 105 4.99 18.95 -14.29
C SER B 105 4.82 19.15 -12.78
N VAL B 106 5.12 18.11 -12.01
CA VAL B 106 5.00 18.18 -10.56
C VAL B 106 6.27 17.73 -9.83
N ALA B 107 7.31 17.44 -10.59
CA ALA B 107 8.54 16.99 -9.98
C ALA B 107 9.77 17.37 -10.79
N ASN B 108 10.90 17.37 -10.12
CA ASN B 108 12.17 17.67 -10.76
C ASN B 108 13.32 17.12 -9.92
N ASP B 109 14.52 17.17 -10.49
CA ASP B 109 15.71 16.74 -9.77
C ASP B 109 16.95 17.38 -10.38
N THR B 110 17.99 17.51 -9.56
CA THR B 110 19.25 18.10 -9.99
C THR B 110 20.31 17.01 -10.14
N GLY B 111 19.91 15.87 -10.68
CA GLY B 111 20.83 14.78 -10.86
C GLY B 111 20.53 13.59 -9.97
N PHE B 112 21.57 12.80 -9.70
CA PHE B 112 21.41 11.62 -8.86
C PHE B 112 22.69 11.27 -8.14
N VAL B 113 22.59 10.31 -7.23
CA VAL B 113 23.73 9.86 -6.45
C VAL B 113 23.84 8.34 -6.50
N ASP B 114 24.99 7.85 -6.97
CA ASP B 114 25.23 6.42 -7.03
C ASP B 114 25.91 6.01 -5.72
N ILE B 115 25.24 5.16 -4.97
CA ILE B 115 25.73 4.69 -3.69
C ILE B 115 26.84 3.63 -3.82
N PRO B 116 27.85 3.68 -2.94
CA PRO B 116 28.94 2.71 -2.97
C PRO B 116 28.36 1.29 -2.93
N LYS B 117 28.91 0.40 -3.72
CA LYS B 117 28.43 -0.97 -3.85
C LYS B 117 28.62 -1.87 -2.62
N GLN B 118 28.05 -1.44 -1.49
CA GLN B 118 28.10 -2.19 -0.24
C GLN B 118 26.73 -2.19 0.44
N GLU B 119 26.37 -3.30 1.08
CA GLU B 119 25.08 -3.36 1.77
C GLU B 119 25.06 -2.39 2.95
N LYS B 120 26.22 -2.14 3.55
CA LYS B 120 26.29 -1.20 4.66
C LYS B 120 25.97 0.22 4.17
N ALA B 121 26.55 0.58 3.03
CA ALA B 121 26.31 1.89 2.43
C ALA B 121 24.84 2.02 2.02
N LEU B 122 24.27 0.94 1.50
CA LEU B 122 22.87 0.97 1.09
C LEU B 122 21.97 1.20 2.31
N MET B 123 22.29 0.52 3.42
CA MET B 123 21.52 0.68 4.65
C MET B 123 21.53 2.14 5.12
N LYS B 124 22.73 2.73 5.22
CA LYS B 124 22.86 4.12 5.64
C LYS B 124 22.04 5.06 4.75
N ALA B 125 22.06 4.80 3.45
CA ALA B 125 21.31 5.61 2.49
C ALA B 125 19.81 5.53 2.79
N VAL B 126 19.30 4.31 2.90
CA VAL B 126 17.89 4.10 3.19
C VAL B 126 17.48 4.82 4.48
N ALA B 127 18.31 4.67 5.51
CA ALA B 127 18.05 5.29 6.81
C ALA B 127 18.01 6.82 6.75
N THR B 128 18.94 7.41 6.00
CA THR B 128 19.05 8.87 5.94
C THR B 128 18.38 9.56 4.74
N VAL B 129 18.23 8.86 3.62
CA VAL B 129 17.67 9.49 2.42
C VAL B 129 16.18 9.23 2.19
N GLY B 130 15.80 7.94 2.19
CA GLY B 130 14.43 7.56 1.93
C GLY B 130 14.47 6.41 0.95
N PRO B 131 13.37 6.11 0.23
CA PRO B 131 13.37 5.00 -0.73
C PRO B 131 14.57 5.13 -1.70
N ILE B 132 15.22 4.00 -1.97
CA ILE B 132 16.39 3.97 -2.85
C ILE B 132 16.16 3.06 -4.07
N SER B 133 16.49 3.57 -5.26
CA SER B 133 16.37 2.77 -6.47
C SER B 133 17.46 1.69 -6.48
N VAL B 134 17.06 0.44 -6.69
CA VAL B 134 18.04 -0.63 -6.75
C VAL B 134 17.71 -1.61 -7.87
N ALA B 135 18.71 -2.35 -8.30
CA ALA B 135 18.52 -3.35 -9.32
C ALA B 135 18.93 -4.69 -8.74
N ILE B 136 18.15 -5.71 -9.02
CA ILE B 136 18.46 -7.03 -8.51
C ILE B 136 18.36 -8.09 -9.58
N ASP B 137 18.91 -9.26 -9.28
CA ASP B 137 18.80 -10.37 -10.19
C ASP B 137 17.49 -11.07 -9.92
N ALA B 138 16.52 -10.89 -10.81
CA ALA B 138 15.21 -11.49 -10.65
C ALA B 138 14.92 -12.53 -11.73
N GLY B 139 15.95 -12.91 -12.49
CA GLY B 139 15.77 -13.87 -13.56
C GLY B 139 15.66 -15.32 -13.12
N HIS B 140 14.67 -15.60 -12.27
CA HIS B 140 14.44 -16.96 -11.76
C HIS B 140 12.95 -17.17 -11.47
N GLU B 141 12.47 -18.40 -11.64
CA GLU B 141 11.07 -18.69 -11.37
C GLU B 141 10.71 -18.46 -9.91
N SER B 142 11.62 -18.79 -9.01
CA SER B 142 11.39 -18.61 -7.58
C SER B 142 10.91 -17.19 -7.27
N PHE B 143 11.49 -16.21 -7.98
CA PHE B 143 11.13 -14.81 -7.81
C PHE B 143 9.79 -14.53 -8.49
N LEU B 144 9.67 -15.06 -9.70
CA LEU B 144 8.47 -14.90 -10.52
C LEU B 144 7.22 -15.33 -9.74
N PHE B 145 7.32 -16.44 -9.02
CA PHE B 145 6.17 -16.92 -8.26
C PHE B 145 6.35 -16.80 -6.74
N TYR B 146 7.20 -15.86 -6.33
CA TYR B 146 7.44 -15.61 -4.91
C TYR B 146 6.11 -15.23 -4.25
N LYS B 147 5.90 -15.70 -3.02
CA LYS B 147 4.65 -15.39 -2.32
C LYS B 147 4.87 -14.64 -1.01
N GLU B 148 5.68 -15.21 -0.12
CA GLU B 148 5.95 -14.60 1.17
C GLU B 148 7.31 -15.01 1.75
N GLY B 149 7.68 -14.37 2.85
CA GLY B 149 8.94 -14.69 3.50
C GLY B 149 10.15 -14.00 2.94
N ILE B 150 11.30 -14.27 3.54
CA ILE B 150 12.56 -13.69 3.10
C ILE B 150 13.08 -14.47 1.89
N TYR B 151 13.21 -13.78 0.78
CA TYR B 151 13.68 -14.39 -0.46
C TYR B 151 15.17 -14.69 -0.51
N PHE B 152 15.50 -15.95 -0.77
CA PHE B 152 16.88 -16.36 -0.91
C PHE B 152 17.00 -17.40 -2.05
N GLU B 153 17.64 -16.98 -3.14
CA GLU B 153 17.81 -17.84 -4.31
C GLU B 153 19.27 -18.26 -4.51
N PRO B 154 19.58 -19.56 -4.28
CA PRO B 154 20.95 -20.07 -4.42
C PRO B 154 21.60 -19.69 -5.78
N ASP B 155 20.77 -19.59 -6.81
CA ASP B 155 21.24 -19.25 -8.16
C ASP B 155 21.37 -17.76 -8.46
N CYS B 156 21.07 -16.91 -7.48
CA CYS B 156 21.17 -15.47 -7.74
C CYS B 156 22.58 -14.99 -7.99
N SER B 157 22.69 -14.00 -8.86
CA SER B 157 23.96 -13.39 -9.20
C SER B 157 24.02 -12.02 -8.54
N SER B 158 25.23 -11.53 -8.28
CA SER B 158 25.37 -10.23 -7.67
C SER B 158 26.08 -9.26 -8.60
N GLU B 159 26.21 -9.64 -9.87
CA GLU B 159 26.90 -8.80 -10.83
C GLU B 159 26.21 -8.68 -12.20
N ASP B 160 24.98 -9.20 -12.32
CA ASP B 160 24.30 -9.12 -13.62
C ASP B 160 22.81 -8.73 -13.52
N MET B 161 22.46 -8.00 -12.46
CA MET B 161 21.09 -7.55 -12.21
C MET B 161 20.30 -7.27 -13.50
N ASP B 162 19.02 -7.60 -13.51
CA ASP B 162 18.19 -7.38 -14.70
C ASP B 162 16.82 -6.76 -14.40
N HIS B 163 16.57 -6.43 -13.13
CA HIS B 163 15.27 -5.87 -12.76
C HIS B 163 15.38 -4.71 -11.76
N GLY B 164 14.83 -3.57 -12.15
CA GLY B 164 14.87 -2.39 -11.29
C GLY B 164 13.71 -2.36 -10.31
N VAL B 165 14.02 -2.14 -9.04
CA VAL B 165 13.00 -2.09 -8.00
C VAL B 165 13.27 -0.97 -7.00
N LEU B 166 12.48 -0.91 -5.94
CA LEU B 166 12.65 0.14 -4.95
C LEU B 166 12.75 -0.37 -3.51
N VAL B 167 13.84 -0.01 -2.84
CA VAL B 167 14.01 -0.38 -1.44
C VAL B 167 13.39 0.72 -0.57
N VAL B 168 12.33 0.39 0.15
CA VAL B 168 11.66 1.37 0.99
C VAL B 168 11.99 1.20 2.48
N GLY B 169 12.82 0.20 2.79
CA GLY B 169 13.19 -0.02 4.17
C GLY B 169 13.94 -1.31 4.37
N TYR B 170 14.01 -1.77 5.62
CA TYR B 170 14.70 -3.01 5.96
C TYR B 170 14.38 -3.42 7.40
N GLY B 171 14.58 -4.71 7.70
CA GLY B 171 14.30 -5.19 9.04
C GLY B 171 14.83 -6.59 9.29
N PHE B 172 14.26 -7.25 10.28
CA PHE B 172 14.64 -8.61 10.64
C PHE B 172 13.44 -9.36 11.22
N GLU B 173 13.57 -10.69 11.33
CA GLU B 173 12.50 -11.51 11.85
C GLU B 173 12.87 -12.12 13.20
N SER B 174 11.94 -12.05 14.15
CA SER B 174 12.16 -12.61 15.49
C SER B 174 12.42 -14.11 15.46
N ASN B 180 18.43 -13.65 9.12
CA ASN B 180 17.09 -13.27 9.52
C ASN B 180 16.78 -11.82 9.13
N LYS B 181 17.73 -11.18 8.44
CA LYS B 181 17.56 -9.81 7.99
C LYS B 181 17.00 -9.77 6.57
N TYR B 182 16.52 -8.61 6.16
CA TYR B 182 15.96 -8.46 4.83
C TYR B 182 15.78 -7.00 4.43
N TRP B 183 15.70 -6.76 3.13
CA TRP B 183 15.45 -5.43 2.60
C TRP B 183 13.97 -5.39 2.19
N LEU B 184 13.26 -4.32 2.54
CA LEU B 184 11.87 -4.21 2.13
C LEU B 184 11.85 -3.63 0.72
N VAL B 185 11.48 -4.44 -0.27
CA VAL B 185 11.49 -4.00 -1.65
C VAL B 185 10.13 -3.88 -2.29
N LYS B 186 9.86 -2.72 -2.88
CA LYS B 186 8.62 -2.50 -3.59
C LYS B 186 8.86 -2.88 -5.05
N ASN B 187 8.04 -3.78 -5.58
CA ASN B 187 8.18 -4.20 -6.97
C ASN B 187 7.12 -3.48 -7.81
N SER B 188 7.15 -3.68 -9.11
CA SER B 188 6.18 -3.05 -10.00
C SER B 188 5.43 -4.09 -10.84
N TRP B 189 5.09 -5.20 -10.21
CA TRP B 189 4.36 -6.28 -10.89
C TRP B 189 2.94 -6.44 -10.32
N GLY B 190 2.41 -5.37 -9.74
CA GLY B 190 1.06 -5.43 -9.18
C GLY B 190 1.01 -5.86 -7.73
N GLU B 191 -0.08 -5.53 -7.07
CA GLU B 191 -0.26 -5.86 -5.66
C GLU B 191 -0.62 -7.34 -5.44
N GLU B 192 -0.97 -8.05 -6.51
CA GLU B 192 -1.32 -9.47 -6.38
C GLU B 192 -0.08 -10.36 -6.27
N TRP B 193 1.04 -9.85 -6.73
CA TRP B 193 2.30 -10.58 -6.66
C TRP B 193 2.93 -10.41 -5.27
N GLY B 194 3.59 -11.45 -4.79
CA GLY B 194 4.24 -11.39 -3.49
C GLY B 194 3.41 -10.87 -2.34
N MET B 195 4.00 -10.02 -1.51
CA MET B 195 3.31 -9.46 -0.36
C MET B 195 2.72 -8.09 -0.66
N GLY B 196 1.53 -8.07 -1.26
CA GLY B 196 0.90 -6.81 -1.61
C GLY B 196 1.76 -6.11 -2.63
N GLY B 197 2.61 -6.87 -3.31
CA GLY B 197 3.48 -6.30 -4.32
C GLY B 197 4.90 -6.11 -3.84
N TYR B 198 5.14 -6.43 -2.57
CA TYR B 198 6.48 -6.30 -1.98
C TYR B 198 7.16 -7.64 -1.80
N VAL B 199 8.47 -7.60 -1.63
CA VAL B 199 9.25 -8.80 -1.39
C VAL B 199 10.34 -8.51 -0.36
N LYS B 200 10.57 -9.45 0.56
CA LYS B 200 11.62 -9.30 1.55
C LYS B 200 12.88 -9.99 1.01
N MET B 201 13.83 -9.18 0.55
CA MET B 201 15.07 -9.71 0.00
C MET B 201 16.13 -9.94 1.07
N ALA B 202 16.69 -11.15 1.09
CA ALA B 202 17.72 -11.50 2.05
C ALA B 202 18.76 -10.36 2.16
N LYS B 203 18.95 -9.86 3.37
CA LYS B 203 19.89 -8.78 3.63
C LYS B 203 21.14 -9.28 4.36
N ASP B 204 22.26 -8.62 4.11
CA ASP B 204 23.52 -8.96 4.73
C ASP B 204 23.89 -10.44 4.52
N ARG B 205 23.63 -10.89 3.29
CA ARG B 205 23.93 -12.24 2.85
C ARG B 205 24.80 -12.15 1.59
N ARG B 206 25.96 -11.52 1.73
CA ARG B 206 26.88 -11.35 0.62
C ARG B 206 26.21 -10.68 -0.59
N ASN B 207 25.57 -9.54 -0.33
CA ASN B 207 24.90 -8.76 -1.37
C ASN B 207 24.05 -9.67 -2.29
N HIS B 208 23.17 -10.46 -1.66
CA HIS B 208 22.31 -11.39 -2.38
C HIS B 208 21.58 -10.76 -3.57
N CYS B 209 21.71 -11.39 -4.72
CA CYS B 209 21.10 -10.95 -5.97
C CYS B 209 21.59 -9.55 -6.41
N GLY B 210 22.75 -9.14 -5.87
CA GLY B 210 23.34 -7.86 -6.22
C GLY B 210 22.51 -6.63 -5.90
N ILE B 211 21.71 -6.71 -4.85
CA ILE B 211 20.83 -5.61 -4.47
C ILE B 211 21.56 -4.28 -4.17
N ALA B 212 22.82 -4.36 -3.75
CA ALA B 212 23.60 -3.15 -3.44
C ALA B 212 24.61 -2.76 -4.55
N SER B 213 24.59 -3.49 -5.66
CA SER B 213 25.55 -3.22 -6.74
C SER B 213 25.16 -2.07 -7.69
N ALA B 214 23.87 -1.73 -7.72
CA ALA B 214 23.41 -0.66 -8.60
C ALA B 214 22.32 0.20 -7.93
N ALA B 215 22.60 0.65 -6.72
CA ALA B 215 21.67 1.47 -5.96
C ALA B 215 21.94 2.96 -6.17
N SER B 216 20.87 3.75 -6.19
CA SER B 216 21.00 5.19 -6.38
C SER B 216 19.70 5.95 -6.04
N TYR B 217 19.79 7.28 -6.05
CA TYR B 217 18.63 8.13 -5.78
C TYR B 217 18.79 9.49 -6.44
N PRO B 218 17.67 10.20 -6.66
CA PRO B 218 17.76 11.52 -7.29
C PRO B 218 17.93 12.63 -6.25
N THR B 219 18.69 13.66 -6.60
CA THR B 219 18.87 14.79 -5.69
C THR B 219 17.85 15.89 -6.05
N VAL B 220 17.04 16.29 -5.08
CA VAL B 220 16.06 17.33 -5.32
C VAL B 220 16.44 18.63 -4.62
C1 OPT C . -5.10 7.73 14.41
C2 OPT C . -5.22 7.27 13.03
C7 OPT C . -6.09 8.60 15.12
C8 OPT C . -6.08 10.04 14.73
C9 OPT C . -7.02 10.95 15.36
C10 OPT C . -10.86 13.51 18.17
C11 OPT C . -10.46 11.21 16.91
C12 OPT C . -8.95 11.47 16.98
C13 OPT C . -11.37 12.23 17.49
C14 OPT C . -8.41 12.74 17.66
C15 OPT C . -9.37 13.75 18.25
C20 OPT C . -4.09 8.30 9.98
C22 OPT C . -5.63 10.74 9.62
C24 OPT C . -4.78 12.37 11.42
C27 OPT C . -2.69 13.37 9.71
N29 OPT C . -2.67 5.25 9.55
C30 OPT C . -1.59 4.42 9.22
C31 OPT C . -0.32 5.23 8.61
C32 OPT C . -0.53 6.44 7.61
C33 OPT C . 0.47 6.32 6.52
C35 OPT C . 0.13 7.35 4.18
O3 OPT C . -6.33 6.81 12.65
C4 OPT C . -8.02 10.47 16.39
C5 OPT C . -8.04 8.99 16.80
C6 OPT C . -7.08 8.06 16.16
N16 OPT C . -3.93 7.43 12.18
C17 OPT C . -3.97 6.99 10.78
C18 OPT C . -2.66 6.28 10.68
O19 OPT C . -1.63 6.47 11.41
SG2 OPT C . -5.68 9.07 10.11
C23 OPT C . -4.65 11.84 10.12
C25 OPT C . -3.58 12.35 9.25
C26 OPT C . -3.89 13.39 11.89
C28 OPT C . -2.84 13.89 11.05
N34 OPT C . 0.60 7.22 5.48
N36 OPT C . -0.33 6.33 3.39
N37 OPT C . 0.12 8.56 3.56
C38 OPT C . -1.80 3.49 8.11
O39 OPT C . -1.05 2.48 8.11
N40 OPT C . -2.72 3.79 7.23
C41 OPT C . -2.87 2.92 6.17
C42 OPT C . -1.79 3.28 5.09
O43 OPT C . -1.73 4.48 4.71
C44 OPT C . -4.32 3.03 5.49
C45 OPT C . -4.45 2.06 4.28
C46 OPT C . -4.93 0.67 4.47
C47 OPT C . -4.09 2.52 2.90
C48 OPT C . -5.04 -0.21 3.33
C49 OPT C . -4.19 1.63 1.77
C50 OPT C . -4.67 0.27 1.99
O51 OPT C . -4.76 -0.54 0.93
C52 OPT C . 1.92 1.22 5.11
C53 OPT C . 2.00 -0.18 4.50
C54 OPT C . 2.60 -1.27 5.29
C55 OPT C . 3.11 -0.99 6.66
C56 OPT C . 3.03 0.36 7.25
C57 OPT C . 2.44 1.47 6.48
C58 OPT C . 1.32 2.36 4.34
C59 OPT C . 0.05 2.27 3.58
N60 OPT C . -1.03 2.06 4.68
C1 OPT D . 8.71 -7.83 -16.84
C2 OPT D . 9.93 -7.27 -16.25
C7 OPT D . 7.83 -8.80 -16.12
C8 OPT D . 8.36 -10.18 -16.04
C9 OPT D . 7.60 -11.19 -15.34
C10 OPT D . 4.19 -14.28 -12.53
C11 OPT D . 5.27 -11.85 -12.49
C12 OPT D . 5.57 -12.01 -13.99
C13 OPT D . 4.59 -12.97 -11.80
C14 OPT D . 5.18 -13.29 -14.74
C15 OPT D . 4.50 -14.42 -13.99
C20 OPT D . 13.26 -8.23 -16.14
C22 OPT D . 12.96 -10.78 -14.84
C24 OPT D . 11.74 -12.11 -16.68
C27 OPT D . 14.20 -12.72 -18.05
N29 OPT D . 14.11 -5.25 -17.42
C30 OPT D . 14.76 -4.43 -18.37
C31 OPT D . 15.63 -5.28 -19.43
C32 OPT D . 16.52 -6.49 -18.93
C33 OPT D . 17.75 -6.54 -19.73
C35 OPT D . 19.59 -7.89 -18.54
O3 OPT D . 9.85 -6.66 -15.16
C4 OPT D . 6.27 -10.89 -14.70
C5 OPT D . 5.70 -9.46 -14.78
C6 OPT D . 6.47 -8.42 -15.49
N16 OPT D . 11.22 -7.51 -17.08
C17 OPT D . 12.48 -6.97 -16.53
C18 OPT D . 12.96 -6.23 -17.75
O19 OPT D . 12.52 -6.37 -18.92
SG2 OPT D . 12.65 -9.08 -14.71
C23 OPT D . 12.95 -11.64 -16.14
C25 OPT D . 14.21 -11.95 -16.85
C26 OPT D . 11.72 -12.89 -17.88
C28 OPT D . 12.94 -13.19 -18.57
N34 OPT D . 18.76 -7.48 -19.59
N36 OPT D . 20.25 -7.05 -17.71
N37 OPT D . 19.79 -9.19 -18.27
C38 OPT D . 15.82 -3.57 -17.84
O39 OPT D . 16.11 -2.57 -18.55
N40 OPT D . 16.38 -3.90 -16.70
C41 OPT D . 17.41 -3.12 -16.22
C42 OPT D . 18.72 -3.64 -16.87
O43 OPT D . 18.92 -4.88 -16.91
C44 OPT D . 17.54 -3.23 -14.63
C45 OPT D . 18.71 -2.36 -14.05
C46 OPT D . 18.47 -0.97 -13.68
C47 OPT D . 20.08 -2.96 -13.89
C48 OPT D . 19.56 -0.17 -13.14
C49 OPT D . 21.16 -2.16 -13.36
C50 OPT D . 20.90 -0.78 -12.98
O51 OPT D . 21.91 -0.04 -12.48
C52 OPT D . 20.08 -1.90 -20.28
C53 OPT D . 20.73 -0.51 -20.26
C54 OPT D . 20.19 0.54 -21.15
C55 OPT D . 19.03 0.24 -22.02
C56 OPT D . 18.40 -1.10 -22.03
C57 OPT D . 18.92 -2.18 -21.17
C58 OPT D . 20.61 -2.99 -19.41
C59 OPT D . 20.94 -2.85 -17.95
N60 OPT D . 19.57 -2.49 -17.31
#